data_9QBA
#
_entry.id   9QBA
#
_cell.length_a   67.750
_cell.length_b   67.750
_cell.length_c   71.114
_cell.angle_alpha   90.00
_cell.angle_beta   90.00
_cell.angle_gamma   120.00
#
_symmetry.space_group_name_H-M   'P 62'
#
loop_
_entity.id
_entity.type
_entity.pdbx_description
1 polymer 'E3 ubiquitin-protein ligase TRIM21'
2 non-polymer ~{N}-(cyclohexylmethyl)-4-(4-fluoranyl-2-methylsulfanyl-phenyl)-2-methylsulfonyl-benzamide
3 non-polymer 1,2-ETHANEDIOL
4 water water
#
_entity_poly.entity_id   1
_entity_poly.type   'polypeptide(L)'
_entity_poly.pdbx_seq_one_letter_code
;VHITLDPDTANPWLILSEDRRQVRLGDTQQSIPGNEERFDSYPMVLGAQHFHSGKHYWEVDVTGKEAWDLGVCRDSVRRK
GHFLLSSKSGFWTIWLWNKQKYEAGTYPQTPLHLQVPPCQVGIFLDYEAGMVSFYNITDHGSLIYSFSECAFTGPLRPFF
SPGFNDGGKNTAPLTLCPL
;
_entity_poly.pdbx_strand_id   A
#
# COMPACT_ATOMS: atom_id res chain seq x y z
N VAL A 1 -13.66 -9.67 4.93
CA VAL A 1 -14.33 -8.43 4.41
C VAL A 1 -13.66 -8.06 3.08
N HIS A 2 -14.48 -7.51 2.18
CA HIS A 2 -14.07 -7.03 0.88
C HIS A 2 -13.38 -5.67 1.07
N ILE A 3 -12.08 -5.56 0.75
CA ILE A 3 -11.37 -4.30 0.91
C ILE A 3 -11.88 -3.29 -0.12
N THR A 4 -12.08 -2.05 0.33
CA THR A 4 -12.42 -0.96 -0.56
C THR A 4 -11.55 0.23 -0.19
N LEU A 5 -11.33 1.11 -1.15
CA LEU A 5 -10.51 2.29 -0.94
C LEU A 5 -11.37 3.41 -0.38
N ASP A 6 -10.77 4.22 0.47
CA ASP A 6 -11.46 5.28 1.18
C ASP A 6 -11.19 6.61 0.48
N PRO A 7 -12.17 7.15 -0.26
CA PRO A 7 -11.92 8.35 -1.07
C PRO A 7 -11.50 9.56 -0.24
N ASP A 8 -11.92 9.64 1.02
CA ASP A 8 -11.60 10.81 1.83
C ASP A 8 -10.12 10.84 2.19
N THR A 9 -9.42 9.71 2.04
CA THR A 9 -7.99 9.65 2.35
C THR A 9 -7.14 9.92 1.11
N ALA A 10 -7.71 9.84 -0.09
CA ALA A 10 -6.93 9.76 -1.31
C ALA A 10 -6.38 11.13 -1.71
N ASN A 11 -5.05 11.19 -1.87
CA ASN A 11 -4.38 12.37 -2.37
C ASN A 11 -4.97 12.81 -3.72
N PRO A 12 -4.99 14.13 -4.04
CA PRO A 12 -5.55 14.58 -5.33
C PRO A 12 -4.87 14.09 -6.61
N TRP A 13 -3.64 13.57 -6.55
CA TRP A 13 -3.02 12.96 -7.73
C TRP A 13 -3.69 11.63 -8.10
N LEU A 14 -4.61 11.14 -7.26
CA LEU A 14 -5.20 9.82 -7.45
C LEU A 14 -6.59 9.91 -8.06
N ILE A 15 -6.87 8.91 -8.90
CA ILE A 15 -8.19 8.61 -9.44
C ILE A 15 -8.63 7.27 -8.89
N LEU A 16 -9.84 7.23 -8.31
CA LEU A 16 -10.42 6.01 -7.78
C LEU A 16 -11.55 5.58 -8.70
N SER A 17 -11.71 4.26 -8.87
CA SER A 17 -12.84 3.74 -9.61
C SER A 17 -14.13 3.87 -8.79
N GLU A 18 -15.27 3.77 -9.47
CA GLU A 18 -16.58 3.88 -8.84
C GLU A 18 -16.75 2.81 -7.75
N ASP A 19 -16.27 1.59 -8.02
CA ASP A 19 -16.39 0.49 -7.07
C ASP A 19 -15.33 0.55 -5.98
N ARG A 20 -14.42 1.53 -6.05
CA ARG A 20 -13.44 1.77 -5.01
C ARG A 20 -12.51 0.57 -4.85
N ARG A 21 -12.29 -0.17 -5.95
CA ARG A 21 -11.37 -1.30 -5.95
C ARG A 21 -10.10 -0.98 -6.74
N GLN A 22 -10.04 0.19 -7.39
CA GLN A 22 -8.92 0.54 -8.23
C GLN A 22 -8.47 1.97 -7.96
N VAL A 23 -7.16 2.18 -8.02
CA VAL A 23 -6.59 3.51 -7.90
C VAL A 23 -5.45 3.66 -8.89
N ARG A 24 -5.31 4.88 -9.42
CA ARG A 24 -4.26 5.16 -10.37
C ARG A 24 -3.91 6.63 -10.32
N LEU A 25 -2.75 6.97 -10.88
CA LEU A 25 -2.31 8.34 -10.99
C LEU A 25 -3.05 9.05 -12.12
N GLY A 26 -3.49 10.27 -11.79
CA GLY A 26 -3.98 11.18 -12.80
C GLY A 26 -2.83 11.87 -13.53
N ASP A 27 -3.17 12.63 -14.57
CA ASP A 27 -2.22 13.42 -15.33
C ASP A 27 -2.10 14.80 -14.69
N THR A 28 -3.13 15.22 -13.96
CA THR A 28 -3.08 16.39 -13.10
C THR A 28 -3.77 16.05 -11.78
N GLN A 29 -3.60 16.93 -10.81
CA GLN A 29 -4.27 16.83 -9.52
C GLN A 29 -5.72 17.25 -9.68
N GLN A 30 -6.63 16.46 -9.09
CA GLN A 30 -8.02 16.85 -8.96
C GLN A 30 -8.14 17.97 -7.94
N SER A 31 -9.19 18.79 -8.12
CA SER A 31 -9.56 19.80 -7.15
C SER A 31 -10.62 19.21 -6.22
N ILE A 32 -10.21 18.84 -5.00
CA ILE A 32 -11.07 18.19 -4.04
C ILE A 32 -10.82 18.81 -2.66
N PRO A 33 -11.71 18.59 -1.65
CA PRO A 33 -11.51 19.14 -0.30
C PRO A 33 -10.13 18.86 0.31
N GLY A 34 -9.74 19.72 1.26
CA GLY A 34 -8.50 19.55 2.01
C GLY A 34 -8.78 19.07 3.43
N ASN A 35 -9.68 18.09 3.53
CA ASN A 35 -10.12 17.51 4.78
C ASN A 35 -8.99 16.74 5.46
N GLU A 36 -9.14 16.58 6.78
CA GLU A 36 -8.08 16.16 7.69
C GLU A 36 -7.52 14.78 7.34
N GLU A 37 -8.36 13.88 6.80
CA GLU A 37 -7.96 12.51 6.56
C GLU A 37 -7.06 12.38 5.32
N ARG A 38 -7.07 13.37 4.42
CA ARG A 38 -6.50 13.20 3.09
C ARG A 38 -4.97 13.34 3.14
N PHE A 39 -4.26 12.40 2.52
CA PHE A 39 -2.82 12.54 2.35
C PHE A 39 -2.54 13.68 1.38
N ASP A 40 -1.81 14.71 1.84
CA ASP A 40 -1.69 15.94 1.07
C ASP A 40 -0.39 16.06 0.28
N SER A 41 0.62 15.23 0.54
CA SER A 41 1.94 15.43 -0.05
C SER A 41 2.46 14.22 -0.83
N TYR A 42 1.69 13.12 -0.84
CA TYR A 42 2.10 11.90 -1.50
C TYR A 42 0.88 11.20 -2.10
N PRO A 43 1.04 10.45 -3.20
CA PRO A 43 -0.06 9.71 -3.81
C PRO A 43 -0.40 8.44 -3.03
N MET A 44 -1.07 8.65 -1.91
CA MET A 44 -1.41 7.58 -0.98
C MET A 44 -2.92 7.55 -0.74
N VAL A 45 -3.40 6.34 -0.41
CA VAL A 45 -4.80 6.13 -0.08
C VAL A 45 -4.90 4.94 0.88
N LEU A 46 -5.89 4.98 1.77
CA LEU A 46 -6.16 3.88 2.71
C LEU A 46 -7.35 3.06 2.25
N GLY A 47 -7.38 1.80 2.70
CA GLY A 47 -8.60 1.02 2.68
C GLY A 47 -9.58 1.60 3.70
N ALA A 48 -10.89 1.47 3.44
CA ALA A 48 -11.91 1.97 4.33
C ALA A 48 -11.95 1.18 5.64
N GLN A 49 -11.55 -0.08 5.58
CA GLN A 49 -11.68 -0.99 6.71
C GLN A 49 -10.71 -0.62 7.83
N HIS A 50 -11.18 -0.76 9.06
CA HIS A 50 -10.36 -0.61 10.26
C HIS A 50 -10.28 -1.97 10.95
N PHE A 51 -9.06 -2.52 11.09
CA PHE A 51 -8.87 -3.84 11.68
C PHE A 51 -8.38 -3.72 13.12
N HIS A 52 -9.04 -4.43 14.03
CA HIS A 52 -8.74 -4.42 15.46
C HIS A 52 -8.29 -5.79 15.94
N SER A 53 -8.45 -6.81 15.09
CA SER A 53 -8.26 -8.20 15.46
C SER A 53 -8.31 -9.05 14.20
N GLY A 54 -7.93 -10.32 14.31
CA GLY A 54 -8.23 -11.30 13.29
C GLY A 54 -7.18 -11.34 12.19
N LYS A 55 -7.39 -12.28 11.27
CA LYS A 55 -6.59 -12.45 10.08
C LYS A 55 -7.37 -11.92 8.88
N HIS A 56 -6.62 -11.30 7.97
CA HIS A 56 -7.18 -10.57 6.85
C HIS A 56 -6.27 -10.79 5.66
N TYR A 57 -6.87 -10.80 4.47
CA TYR A 57 -6.12 -11.08 3.26
C TYR A 57 -6.70 -10.28 2.11
N TRP A 58 -5.83 -9.72 1.27
CA TRP A 58 -6.26 -9.11 0.03
C TRP A 58 -5.16 -9.26 -1.02
N GLU A 59 -5.57 -9.07 -2.29
CA GLU A 59 -4.72 -9.31 -3.44
C GLU A 59 -4.74 -8.07 -4.32
N VAL A 60 -3.55 -7.62 -4.73
CA VAL A 60 -3.45 -6.40 -5.53
C VAL A 60 -2.70 -6.69 -6.82
N ASP A 61 -3.27 -6.22 -7.94
CA ASP A 61 -2.65 -6.30 -9.24
C ASP A 61 -1.83 -5.03 -9.48
N VAL A 62 -0.56 -5.23 -9.88
CA VAL A 62 0.43 -4.17 -10.10
C VAL A 62 1.01 -4.27 -11.51
N THR A 63 0.28 -4.90 -12.43
CA THR A 63 0.78 -5.19 -13.76
C THR A 63 1.22 -3.91 -14.47
N GLY A 64 2.43 -3.93 -15.03
CA GLY A 64 2.88 -2.85 -15.89
C GLY A 64 3.25 -1.57 -15.12
N LYS A 65 3.43 -1.69 -13.79
CA LYS A 65 3.81 -0.54 -12.98
C LYS A 65 5.31 -0.54 -12.69
N GLU A 66 5.90 0.66 -12.77
CA GLU A 66 7.30 0.85 -12.49
C GLU A 66 7.56 1.04 -11.01
N ALA A 67 6.51 1.36 -10.24
CA ALA A 67 6.67 1.65 -8.81
C ALA A 67 5.31 1.52 -8.13
N TRP A 68 5.35 1.11 -6.86
CA TRP A 68 4.17 1.01 -6.01
C TRP A 68 4.62 0.76 -4.59
N ASP A 69 3.72 1.03 -3.64
CA ASP A 69 3.92 0.64 -2.26
C ASP A 69 2.63 0.00 -1.74
N LEU A 70 2.78 -1.12 -1.03
CA LEU A 70 1.63 -1.82 -0.48
C LEU A 70 1.95 -2.22 0.95
N GLY A 71 0.93 -2.12 1.81
CA GLY A 71 1.05 -2.73 3.12
C GLY A 71 -0.12 -2.36 4.02
N VAL A 72 0.23 -2.13 5.28
CA VAL A 72 -0.71 -1.83 6.35
C VAL A 72 -0.15 -0.66 7.13
N CYS A 73 -1.04 0.14 7.72
CA CYS A 73 -0.59 1.23 8.57
C CYS A 73 -1.54 1.44 9.74
N ARG A 74 -1.04 2.11 10.78
CA ARG A 74 -1.89 2.54 11.88
C ARG A 74 -2.92 3.55 11.39
N ASP A 75 -4.10 3.49 11.99
CA ASP A 75 -5.13 4.48 11.73
C ASP A 75 -4.61 5.89 12.03
N SER A 76 -3.72 5.99 13.02
CA SER A 76 -3.28 7.27 13.55
C SER A 76 -2.16 7.90 12.73
N VAL A 77 -1.74 7.31 11.60
CA VAL A 77 -0.61 7.85 10.86
C VAL A 77 -0.93 9.28 10.43
N ARG A 78 0.09 10.14 10.46
CA ARG A 78 -0.03 11.51 9.96
C ARG A 78 -0.40 11.50 8.47
N ARG A 79 -1.26 12.45 8.09
CA ARG A 79 -1.73 12.57 6.72
C ARG A 79 -1.09 13.77 6.02
N LYS A 80 -0.66 14.78 6.78
CA LYS A 80 -0.22 16.05 6.20
C LYS A 80 1.29 16.17 6.30
N GLY A 81 1.90 16.72 5.24
CA GLY A 81 3.32 16.94 5.19
C GLY A 81 4.09 15.70 4.74
N HIS A 82 5.39 15.70 5.07
CA HIS A 82 6.32 14.69 4.63
C HIS A 82 6.75 13.84 5.82
N PHE A 83 7.04 12.56 5.52
CA PHE A 83 7.37 11.60 6.56
C PHE A 83 7.93 10.35 5.90
N LEU A 84 8.61 9.53 6.70
CA LEU A 84 9.09 8.24 6.25
C LEU A 84 8.08 7.15 6.62
N LEU A 85 8.06 6.12 5.80
CA LEU A 85 7.20 4.96 6.02
C LEU A 85 7.93 3.93 6.87
N SER A 86 8.14 4.23 8.15
CA SER A 86 8.80 3.28 9.04
C SER A 86 7.76 2.69 9.98
N SER A 87 8.07 1.52 10.55
N SER A 87 8.08 1.53 10.55
CA SER A 87 7.24 0.94 11.59
CA SER A 87 7.26 0.92 11.59
C SER A 87 7.12 1.90 12.77
C SER A 87 7.11 1.90 12.76
N LYS A 88 8.17 2.69 13.00
CA LYS A 88 8.15 3.72 14.03
C LYS A 88 7.04 4.74 13.77
N SER A 89 6.79 5.05 12.50
CA SER A 89 5.78 6.04 12.11
C SER A 89 4.43 5.35 11.80
N GLY A 90 4.37 4.03 11.98
CA GLY A 90 3.12 3.27 11.90
C GLY A 90 2.88 2.62 10.54
N PHE A 91 3.95 2.25 9.82
CA PHE A 91 3.82 1.67 8.49
C PHE A 91 4.57 0.35 8.41
N TRP A 92 3.89 -0.65 7.83
CA TRP A 92 4.51 -1.92 7.48
C TRP A 92 4.26 -2.17 6.00
N THR A 93 5.26 -1.85 5.17
CA THR A 93 5.05 -1.88 3.72
C THR A 93 6.26 -2.48 3.03
N ILE A 94 6.01 -2.93 1.80
CA ILE A 94 7.05 -3.19 0.82
C ILE A 94 6.78 -2.32 -0.40
N TRP A 95 7.80 -2.15 -1.24
CA TRP A 95 7.64 -1.31 -2.41
C TRP A 95 8.55 -1.76 -3.54
N LEU A 96 8.13 -1.30 -4.73
CA LEU A 96 8.94 -1.28 -5.92
C LEU A 96 9.29 0.17 -6.23
N TRP A 97 10.58 0.38 -6.48
CA TRP A 97 11.13 1.66 -6.89
C TRP A 97 11.84 1.45 -8.23
N ASN A 98 11.70 2.37 -9.19
CA ASN A 98 12.58 2.39 -10.36
C ASN A 98 12.56 1.08 -11.14
N LYS A 99 11.40 0.42 -11.24
CA LYS A 99 11.19 -0.69 -12.15
C LYS A 99 11.81 -2.00 -11.66
N GLN A 100 12.95 -1.97 -10.95
CA GLN A 100 13.65 -3.21 -10.64
C GLN A 100 13.93 -3.39 -9.14
N LYS A 101 13.80 -2.34 -8.34
CA LYS A 101 14.31 -2.37 -6.98
C LYS A 101 13.15 -2.57 -6.01
N TYR A 102 13.04 -3.79 -5.46
CA TYR A 102 12.04 -4.10 -4.45
C TYR A 102 12.69 -4.01 -3.08
N GLU A 103 11.94 -3.49 -2.10
CA GLU A 103 12.45 -3.30 -0.75
C GLU A 103 11.35 -3.51 0.27
N ALA A 104 11.73 -3.97 1.47
CA ALA A 104 10.86 -3.98 2.64
C ALA A 104 11.23 -2.83 3.57
N GLY A 105 10.21 -2.20 4.16
CA GLY A 105 10.34 -1.01 4.97
C GLY A 105 10.81 -1.29 6.40
N THR A 106 11.88 -2.06 6.53
CA THR A 106 12.63 -2.18 7.77
C THR A 106 13.58 -1.00 7.89
N TYR A 107 14.09 -0.76 9.11
CA TYR A 107 15.23 0.13 9.23
C TYR A 107 16.47 -0.64 9.68
N PRO A 108 17.59 -0.63 8.90
CA PRO A 108 17.60 -0.12 7.53
C PRO A 108 16.77 -0.99 6.58
N GLN A 109 16.53 -0.49 5.36
CA GLN A 109 15.66 -1.17 4.40
C GLN A 109 16.27 -2.54 4.06
N THR A 110 15.39 -3.50 3.81
CA THR A 110 15.77 -4.86 3.42
C THR A 110 15.54 -4.97 1.92
N PRO A 111 16.60 -5.09 1.09
CA PRO A 111 16.41 -5.38 -0.32
C PRO A 111 15.79 -6.74 -0.54
N LEU A 112 14.84 -6.78 -1.48
CA LEU A 112 14.12 -8.01 -1.79
C LEU A 112 14.55 -8.43 -3.19
N HIS A 113 14.97 -9.68 -3.33
CA HIS A 113 15.52 -10.15 -4.59
C HIS A 113 14.48 -11.06 -5.22
N LEU A 114 13.71 -10.48 -6.14
CA LEU A 114 12.60 -11.15 -6.82
C LEU A 114 13.05 -11.48 -8.25
N GLN A 115 13.38 -12.74 -8.51
CA GLN A 115 13.75 -13.17 -9.85
C GLN A 115 12.55 -13.09 -10.80
N VAL A 116 11.33 -13.29 -10.25
CA VAL A 116 10.11 -13.17 -11.03
C VAL A 116 9.36 -11.92 -10.56
N PRO A 117 9.31 -10.82 -11.34
CA PRO A 117 8.56 -9.63 -10.93
C PRO A 117 7.08 -9.91 -10.76
N PRO A 118 6.48 -9.60 -9.59
CA PRO A 118 5.06 -9.88 -9.40
C PRO A 118 4.15 -9.00 -10.24
N CYS A 119 3.13 -9.62 -10.85
CA CYS A 119 2.00 -8.89 -11.41
C CYS A 119 0.86 -8.81 -10.42
N GLN A 120 0.81 -9.76 -9.49
CA GLN A 120 -0.14 -9.70 -8.38
C GLN A 120 0.60 -10.03 -7.10
N VAL A 121 0.23 -9.30 -6.04
CA VAL A 121 0.80 -9.44 -4.71
C VAL A 121 -0.33 -9.82 -3.76
N GLY A 122 -0.09 -10.83 -2.94
CA GLY A 122 -1.02 -11.21 -1.88
C GLY A 122 -0.54 -10.68 -0.53
N ILE A 123 -1.44 -10.06 0.22
CA ILE A 123 -1.10 -9.42 1.48
C ILE A 123 -1.92 -10.06 2.59
N PHE A 124 -1.23 -10.59 3.60
CA PHE A 124 -1.88 -11.14 4.78
C PHE A 124 -1.54 -10.29 6.00
N LEU A 125 -2.57 -9.98 6.78
CA LEU A 125 -2.42 -9.41 8.11
C LEU A 125 -2.95 -10.41 9.13
N ASP A 126 -2.13 -10.74 10.13
CA ASP A 126 -2.52 -11.52 11.29
C ASP A 126 -2.33 -10.63 12.50
N TYR A 127 -3.43 -10.00 12.94
CA TYR A 127 -3.38 -8.96 13.96
C TYR A 127 -2.78 -9.53 15.25
N GLU A 128 -3.31 -10.67 15.71
CA GLU A 128 -2.92 -11.19 17.01
C GLU A 128 -1.46 -11.67 17.00
N ALA A 129 -1.02 -12.25 15.88
CA ALA A 129 0.34 -12.75 15.76
C ALA A 129 1.34 -11.60 15.56
N GLY A 130 0.85 -10.43 15.16
CA GLY A 130 1.71 -9.30 14.85
C GLY A 130 2.52 -9.56 13.57
N MET A 131 1.84 -10.08 12.54
CA MET A 131 2.51 -10.46 11.30
C MET A 131 1.84 -9.80 10.11
N VAL A 132 2.66 -9.32 9.17
CA VAL A 132 2.22 -8.80 7.88
C VAL A 132 3.07 -9.51 6.83
N SER A 133 2.44 -10.29 5.94
CA SER A 133 3.18 -11.06 4.96
C SER A 133 2.75 -10.70 3.55
N PHE A 134 3.72 -10.80 2.63
CA PHE A 134 3.57 -10.45 1.23
C PHE A 134 4.03 -11.63 0.39
N TYR A 135 3.18 -12.03 -0.56
CA TYR A 135 3.43 -13.17 -1.42
C TYR A 135 3.42 -12.76 -2.89
N ASN A 136 4.32 -13.38 -3.63
CA ASN A 136 4.48 -13.20 -5.05
C ASN A 136 3.57 -14.19 -5.76
N ILE A 137 2.36 -13.73 -6.09
CA ILE A 137 1.40 -14.64 -6.69
C ILE A 137 1.97 -15.17 -8.01
N THR A 138 2.59 -14.29 -8.80
CA THR A 138 3.09 -14.66 -10.12
C THR A 138 4.09 -15.81 -10.00
N ASP A 139 4.96 -15.76 -8.99
CA ASP A 139 5.98 -16.77 -8.76
C ASP A 139 5.43 -17.92 -7.91
N HIS A 140 4.24 -18.41 -8.27
CA HIS A 140 3.57 -19.53 -7.61
C HIS A 140 3.56 -19.35 -6.09
N GLY A 141 3.22 -18.14 -5.63
CA GLY A 141 2.90 -17.91 -4.24
C GLY A 141 4.13 -17.93 -3.32
N SER A 142 5.30 -17.57 -3.86
CA SER A 142 6.50 -17.52 -3.05
C SER A 142 6.41 -16.35 -2.08
N LEU A 143 6.93 -16.55 -0.87
CA LEU A 143 6.97 -15.48 0.13
C LEU A 143 7.98 -14.42 -0.31
N ILE A 144 7.51 -13.16 -0.36
CA ILE A 144 8.37 -12.00 -0.61
C ILE A 144 9.01 -11.57 0.70
N TYR A 145 8.17 -11.30 1.70
CA TYR A 145 8.66 -10.77 2.96
C TYR A 145 7.57 -10.91 4.02
N SER A 146 8.01 -11.14 5.26
CA SER A 146 7.14 -11.13 6.42
C SER A 146 7.72 -10.23 7.52
N PHE A 147 6.93 -9.24 7.93
CA PHE A 147 7.15 -8.50 9.16
C PHE A 147 6.58 -9.31 10.31
N SER A 148 7.40 -9.56 11.34
CA SER A 148 6.94 -10.32 12.49
C SER A 148 7.14 -9.50 13.76
N GLU A 149 6.44 -9.90 14.82
CA GLU A 149 6.50 -9.27 16.14
C GLU A 149 6.20 -7.77 16.03
N CYS A 150 5.17 -7.42 15.26
CA CYS A 150 4.77 -6.04 15.05
C CYS A 150 4.13 -5.44 16.29
N ALA A 151 3.54 -6.28 17.16
CA ALA A 151 3.04 -5.85 18.46
C ALA A 151 2.04 -4.70 18.34
N PHE A 152 1.04 -4.90 17.47
CA PHE A 152 -0.02 -3.93 17.24
C PHE A 152 -0.83 -3.68 18.51
N THR A 153 -1.28 -2.43 18.71
CA THR A 153 -2.08 -2.10 19.88
C THR A 153 -3.38 -1.38 19.51
N GLY A 154 -3.45 -0.79 18.31
CA GLY A 154 -4.62 0.00 17.92
C GLY A 154 -5.13 -0.41 16.55
N PRO A 155 -6.05 0.36 15.94
CA PRO A 155 -6.63 -0.04 14.67
C PRO A 155 -5.64 0.11 13.51
N LEU A 156 -5.75 -0.82 12.55
CA LEU A 156 -4.91 -0.80 11.36
C LEU A 156 -5.76 -0.61 10.11
N ARG A 157 -5.08 -0.19 9.04
CA ARG A 157 -5.73 0.15 7.78
C ARG A 157 -4.92 -0.43 6.64
N PRO A 158 -5.55 -0.96 5.58
CA PRO A 158 -4.82 -1.24 4.34
C PRO A 158 -4.23 0.05 3.79
N PHE A 159 -3.00 -0.04 3.26
CA PHE A 159 -2.27 1.11 2.78
C PHE A 159 -1.81 0.87 1.34
N PHE A 160 -1.99 1.89 0.48
CA PHE A 160 -1.62 1.76 -0.93
C PHE A 160 -1.03 3.06 -1.50
N SER A 161 -0.06 2.89 -2.40
CA SER A 161 0.33 3.95 -3.32
C SER A 161 0.57 3.37 -4.71
N PRO A 162 -0.04 3.95 -5.77
CA PRO A 162 0.28 3.56 -7.13
C PRO A 162 1.49 4.27 -7.71
N GLY A 163 2.27 4.96 -6.87
CA GLY A 163 3.51 5.57 -7.31
C GLY A 163 3.49 7.08 -7.17
N PHE A 164 4.60 7.70 -7.54
CA PHE A 164 4.70 9.14 -7.72
C PHE A 164 4.41 9.50 -9.17
N ASN A 165 3.84 10.69 -9.41
CA ASN A 165 3.66 11.10 -10.80
C ASN A 165 5.03 11.21 -11.47
N ASP A 166 5.13 10.69 -12.70
CA ASP A 166 6.42 10.49 -13.35
C ASP A 166 6.28 10.60 -14.88
N GLY A 167 5.54 11.62 -15.34
CA GLY A 167 5.47 11.96 -16.75
C GLY A 167 4.81 10.87 -17.59
N GLY A 168 3.97 10.03 -16.96
CA GLY A 168 3.19 9.03 -17.67
C GLY A 168 3.77 7.62 -17.56
N LYS A 169 4.91 7.48 -16.87
CA LYS A 169 5.64 6.22 -16.78
C LYS A 169 5.02 5.27 -15.75
N ASN A 170 3.98 5.71 -15.06
CA ASN A 170 3.44 4.83 -14.03
C ASN A 170 1.93 5.00 -13.87
N THR A 171 1.22 5.17 -14.99
CA THR A 171 -0.21 5.40 -14.97
C THR A 171 -1.00 4.09 -14.90
N ALA A 172 -0.35 2.93 -14.98
CA ALA A 172 -1.09 1.68 -14.87
C ALA A 172 -1.76 1.60 -13.50
N PRO A 173 -2.99 1.04 -13.41
CA PRO A 173 -3.69 1.00 -12.14
C PRO A 173 -3.18 -0.05 -11.15
N LEU A 174 -3.46 0.21 -9.87
CA LEU A 174 -3.46 -0.77 -8.79
C LEU A 174 -4.89 -1.23 -8.63
N THR A 175 -5.12 -2.54 -8.64
CA THR A 175 -6.49 -3.06 -8.55
C THR A 175 -6.57 -4.18 -7.51
N LEU A 176 -7.52 -4.05 -6.59
CA LEU A 176 -7.85 -5.13 -5.67
C LEU A 176 -8.58 -6.23 -6.46
N CYS A 177 -8.15 -7.47 -6.26
CA CYS A 177 -8.64 -8.60 -7.02
C CYS A 177 -9.61 -9.42 -6.17
N PRO A 178 -10.66 -9.99 -6.79
CA PRO A 178 -11.60 -10.81 -6.04
C PRO A 178 -10.91 -12.04 -5.42
#